data_4B2P
#
_entry.id   4B2P
#
_cell.length_a   40.320
_cell.length_b   62.020
_cell.length_c   87.170
_cell.angle_alpha   90.00
_cell.angle_beta   90.00
_cell.angle_gamma   90.00
#
_symmetry.space_group_name_H-M   'P 21 21 21'
#
loop_
_entity.id
_entity.type
_entity.pdbx_description
1 polymer 'DNA REPAIR AND RECOMBINATION PROTEIN RADA'
2 non-polymer "GUANOSINE-5'-TRIPHOSPHATE"
3 non-polymer 'MAGNESIUM ION'
4 non-polymer GLYCEROL
5 water water
#
_entity_poly.entity_id   1
_entity_poly.type   'polypeptide(L)'
_entity_poly.pdbx_seq_one_letter_code
;MATIGRISTGSKSLDKLLGGGIETQAITEVFGEFGSGKTQLAHTLAVMVQLPPEEGGLNGSVIWIDTENTFRPERIREIA
QNRGLDPDEVLKHIYVARAFNSNHQMLLVQQAEDKIKELLNTDRPVKLLIVDSLTSHFRSEYIGRGALAERQQKLAKHLA
DLHRLANLYDIAVFVTNQVQANGGHILAHSATLRVYLRKGKGGKRIARLIDAPHLPEGEAVFSITEKGIED
;
_entity_poly.pdbx_strand_id   A
#
# COMPACT_ATOMS: atom_id res chain seq x y z
N THR A 3 17.50 10.58 -0.45
CA THR A 3 17.79 9.17 -0.04
C THR A 3 16.47 8.41 -0.06
N ILE A 4 16.51 7.16 -0.46
CA ILE A 4 15.29 6.29 -0.46
C ILE A 4 15.11 5.79 0.97
N GLY A 5 13.93 5.99 1.52
CA GLY A 5 13.56 5.33 2.79
C GLY A 5 13.00 3.93 2.53
N ARG A 6 13.03 3.09 3.56
CA ARG A 6 12.50 1.73 3.43
C ARG A 6 11.63 1.46 4.62
N ILE A 7 10.48 0.84 4.38
CA ILE A 7 9.51 0.52 5.41
C ILE A 7 9.51 -1.01 5.54
N SER A 8 9.91 -1.50 6.73
CA SER A 8 9.77 -2.96 6.94
C SER A 8 8.31 -3.48 6.77
N THR A 9 8.18 -4.65 6.15
CA THR A 9 6.87 -5.28 6.03
C THR A 9 6.43 -6.07 7.24
N GLY A 10 7.33 -6.22 8.18
CA GLY A 10 7.14 -7.15 9.31
C GLY A 10 7.72 -8.56 9.11
N SER A 11 7.87 -8.96 7.85
CA SER A 11 8.54 -10.21 7.53
C SER A 11 9.99 -9.98 7.10
N LYS A 12 10.92 -10.63 7.80
CA LYS A 12 12.35 -10.50 7.40
C LYS A 12 12.61 -11.08 6.01
N SER A 13 11.88 -12.15 5.69
CA SER A 13 11.98 -12.81 4.39
C SER A 13 11.52 -11.85 3.27
N LEU A 14 10.32 -11.26 3.45
CA LEU A 14 9.83 -10.35 2.41
C LEU A 14 10.72 -9.11 2.34
N ASP A 15 11.19 -8.61 3.49
CA ASP A 15 12.07 -7.44 3.47
C ASP A 15 13.36 -7.74 2.67
N LYS A 16 13.88 -8.96 2.79
CA LYS A 16 15.08 -9.30 2.09
C LYS A 16 14.85 -9.27 0.58
N LEU A 17 13.73 -9.86 0.15
CA LEU A 17 13.37 -9.90 -1.26
C LEU A 17 13.24 -8.49 -1.83
N LEU A 18 12.68 -7.59 -0.99
CA LEU A 18 12.48 -6.20 -1.44
C LEU A 18 13.74 -5.32 -1.35
N GLY A 19 14.83 -5.86 -0.81
CA GLY A 19 16.07 -5.06 -0.61
C GLY A 19 16.06 -4.28 0.64
N GLY A 20 15.22 -4.65 1.59
CA GLY A 20 15.16 -4.00 2.90
C GLY A 20 13.83 -3.49 3.33
N GLY A 21 12.87 -3.46 2.43
CA GLY A 21 11.53 -2.99 2.79
C GLY A 21 10.96 -2.28 1.57
N ILE A 22 9.73 -1.80 1.72
CA ILE A 22 9.04 -1.04 0.69
C ILE A 22 9.69 0.33 0.55
N GLU A 23 9.95 0.76 -0.70
CA GLU A 23 10.74 2.02 -0.87
C GLU A 23 9.91 3.26 -1.00
N THR A 24 10.42 4.37 -0.45
CA THR A 24 9.84 5.67 -0.82
C THR A 24 10.40 6.02 -2.23
N GLN A 25 9.72 6.99 -2.81
CA GLN A 25 10.02 7.50 -4.20
C GLN A 25 9.73 6.38 -5.20
N ALA A 26 8.76 5.51 -4.92
CA ALA A 26 8.47 4.35 -5.78
C ALA A 26 7.02 3.97 -5.54
N ILE A 27 6.39 3.38 -6.58
CA ILE A 27 5.14 2.70 -6.45
C ILE A 27 5.39 1.20 -6.42
N THR A 28 4.96 0.54 -5.33
CA THR A 28 5.11 -0.90 -5.23
C THR A 28 3.70 -1.49 -5.38
N GLU A 29 3.54 -2.35 -6.39
CA GLU A 29 2.24 -3.02 -6.65
C GLU A 29 2.31 -4.44 -6.17
N VAL A 30 1.37 -4.83 -5.31
CA VAL A 30 1.27 -6.26 -4.98
C VAL A 30 0.06 -6.77 -5.76
N PHE A 31 0.17 -7.94 -6.37
CA PHE A 31 -0.97 -8.47 -7.10
C PHE A 31 -1.04 -9.95 -6.83
N GLY A 32 -2.24 -10.45 -6.86
CA GLY A 32 -2.44 -11.89 -6.59
C GLY A 32 -3.93 -12.14 -6.42
N GLU A 33 -4.30 -13.40 -6.24
CA GLU A 33 -5.70 -13.80 -6.18
C GLU A 33 -6.33 -13.42 -4.87
N PHE A 34 -7.66 -13.55 -4.75
CA PHE A 34 -8.32 -13.38 -3.48
C PHE A 34 -7.63 -14.16 -2.34
N GLY A 35 -7.52 -13.52 -1.18
CA GLY A 35 -6.86 -14.21 -0.03
C GLY A 35 -5.34 -14.29 -0.05
N SER A 36 -4.70 -13.67 -1.04
CA SER A 36 -3.25 -13.84 -1.18
C SER A 36 -2.46 -13.01 -0.17
N GLY A 37 -3.11 -12.00 0.43
CA GLY A 37 -2.40 -11.23 1.51
C GLY A 37 -2.24 -9.75 1.24
N LYS A 38 -2.83 -9.25 0.18
CA LYS A 38 -2.56 -7.86 -0.28
C LYS A 38 -3.06 -6.88 0.77
N THR A 39 -4.33 -7.04 1.17
CA THR A 39 -4.88 -6.14 2.22
C THR A 39 -4.23 -6.30 3.63
N GLN A 40 -3.87 -7.53 3.95
CA GLN A 40 -3.16 -7.72 5.21
C GLN A 40 -1.77 -7.08 5.19
N LEU A 41 -1.10 -7.15 4.05
CA LEU A 41 0.19 -6.46 3.94
C LEU A 41 -0.03 -4.97 4.08
N ALA A 42 -1.06 -4.44 3.42
CA ALA A 42 -1.37 -3.00 3.59
C ALA A 42 -1.63 -2.60 5.04
N HIS A 43 -2.42 -3.40 5.78
CA HIS A 43 -2.69 -3.04 7.17
C HIS A 43 -1.41 -3.12 7.96
N THR A 44 -0.53 -4.06 7.64
CA THR A 44 0.72 -4.20 8.45
C THR A 44 1.66 -3.01 8.17
N LEU A 45 1.81 -2.60 6.89
CA LEU A 45 2.71 -1.43 6.53
C LEU A 45 2.17 -0.15 7.17
N ALA A 46 0.84 0.00 7.27
CA ALA A 46 0.24 1.21 7.87
C ALA A 46 0.58 1.36 9.35
N VAL A 47 0.91 0.26 10.00
CA VAL A 47 1.49 0.34 11.37
C VAL A 47 3.00 0.49 11.31
N MET A 48 3.66 -0.36 10.51
CA MET A 48 5.17 -0.39 10.50
C MET A 48 5.76 1.00 10.16
N VAL A 49 5.13 1.73 9.25
CA VAL A 49 5.73 3.00 8.82
C VAL A 49 5.75 3.99 9.99
N GLN A 50 4.96 3.75 10.99
CA GLN A 50 4.88 4.67 12.16
C GLN A 50 5.99 4.43 13.18
N LEU A 51 6.66 3.30 13.07
CA LEU A 51 7.82 2.98 13.96
C LEU A 51 9.00 3.92 13.62
N PRO A 52 9.90 4.12 14.60
CA PRO A 52 11.14 4.89 14.28
C PRO A 52 12.07 4.11 13.36
N PRO A 53 13.06 4.82 12.74
CA PRO A 53 13.81 4.12 11.70
C PRO A 53 14.61 2.90 12.17
N GLU A 54 15.01 2.87 13.43
CA GLU A 54 15.80 1.75 13.87
C GLU A 54 14.91 0.54 14.14
N GLU A 55 13.61 0.73 14.09
CA GLU A 55 12.71 -0.38 14.16
C GLU A 55 12.05 -0.70 12.83
N GLY A 56 12.47 -0.03 11.76
CA GLY A 56 11.96 -0.44 10.44
C GLY A 56 10.91 0.51 9.88
N GLY A 57 10.56 1.60 10.59
CA GLY A 57 9.60 2.57 10.11
C GLY A 57 10.29 3.91 9.71
N LEU A 58 9.43 4.87 9.43
CA LEU A 58 9.86 6.19 8.95
C LEU A 58 9.24 7.33 9.77
N ASN A 59 8.79 7.02 11.01
CA ASN A 59 8.05 7.94 11.85
C ASN A 59 6.95 8.64 11.07
N GLY A 60 6.26 7.88 10.22
CA GLY A 60 5.40 8.55 9.24
C GLY A 60 3.92 8.42 9.51
N SER A 61 3.14 9.28 8.87
CA SER A 61 1.71 9.12 8.75
C SER A 61 1.35 8.36 7.45
N VAL A 62 0.05 8.02 7.35
CA VAL A 62 -0.44 7.13 6.24
C VAL A 62 -1.69 7.76 5.60
N ILE A 63 -1.77 7.77 4.28
CA ILE A 63 -3.05 8.07 3.60
C ILE A 63 -3.48 6.78 2.95
N TRP A 64 -4.75 6.43 3.15
CA TRP A 64 -5.24 5.12 2.62
C TRP A 64 -6.50 5.39 1.83
N ILE A 65 -6.42 5.14 0.51
CA ILE A 65 -7.61 5.23 -0.36
C ILE A 65 -8.17 3.82 -0.52
N ASP A 66 -9.32 3.61 0.15
CA ASP A 66 -9.95 2.28 0.18
C ASP A 66 -11.09 2.20 -0.81
N THR A 67 -11.07 1.20 -1.69
CA THR A 67 -12.06 1.16 -2.76
C THR A 67 -13.08 0.02 -2.61
N GLU A 68 -12.84 -0.91 -1.69
CA GLU A 68 -13.71 -2.08 -1.52
C GLU A 68 -14.16 -2.25 -0.05
N ASN A 69 -14.10 -1.18 0.74
CA ASN A 69 -14.51 -1.25 2.16
CA ASN A 69 -14.48 -1.24 2.17
C ASN A 69 -13.81 -2.36 2.95
N THR A 70 -12.51 -2.55 2.72
CA THR A 70 -11.80 -3.59 3.47
C THR A 70 -10.81 -3.07 4.49
N PHE A 71 -10.71 -1.72 4.68
CA PHE A 71 -9.93 -1.19 5.79
C PHE A 71 -10.62 -1.63 7.09
N ARG A 72 -9.85 -2.13 8.04
CA ARG A 72 -10.44 -2.54 9.37
C ARG A 72 -9.69 -1.84 10.51
N PRO A 73 -10.32 -0.82 11.13
CA PRO A 73 -9.61 -0.13 12.16
C PRO A 73 -9.23 -1.06 13.32
N GLU A 74 -10.05 -2.09 13.61
CA GLU A 74 -9.66 -3.01 14.69
C GLU A 74 -8.49 -3.93 14.35
N ARG A 75 -8.25 -4.16 13.05
CA ARG A 75 -7.10 -4.94 12.70
C ARG A 75 -5.85 -4.06 12.87
N ILE A 76 -5.94 -2.78 12.53
CA ILE A 76 -4.84 -1.90 12.85
C ILE A 76 -4.50 -1.87 14.35
N ARG A 77 -5.55 -1.72 15.16
CA ARG A 77 -5.33 -1.65 16.61
C ARG A 77 -4.68 -2.94 17.11
N GLU A 78 -5.11 -4.09 16.62
CA GLU A 78 -4.50 -5.34 17.01
C GLU A 78 -3.02 -5.42 16.65
N ILE A 79 -2.71 -5.09 15.38
CA ILE A 79 -1.35 -5.16 14.95
C ILE A 79 -0.48 -4.19 15.78
N ALA A 80 -1.00 -2.99 16.03
CA ALA A 80 -0.29 -2.04 16.79
C ALA A 80 -0.05 -2.54 18.22
N GLN A 81 -1.14 -2.95 18.88
CA GLN A 81 -1.09 -3.49 20.29
C GLN A 81 -0.01 -4.57 20.38
N ASN A 82 -0.03 -5.50 19.43
CA ASN A 82 0.88 -6.62 19.49
C ASN A 82 2.28 -6.36 19.10
N ARG A 83 2.56 -5.20 18.49
CA ARG A 83 3.90 -4.78 18.25
C ARG A 83 4.38 -3.73 19.31
N GLY A 84 3.58 -3.53 20.34
CA GLY A 84 3.94 -2.63 21.50
C GLY A 84 3.65 -1.12 21.27
N LEU A 85 2.79 -0.77 20.30
CA LEU A 85 2.38 0.63 20.00
C LEU A 85 0.98 0.92 20.51
N ASP A 86 0.70 2.22 20.74
CA ASP A 86 -0.64 2.58 21.30
C ASP A 86 -1.61 2.44 20.11
N PRO A 87 -2.64 1.59 20.23
CA PRO A 87 -3.51 1.36 19.07
C PRO A 87 -4.22 2.65 18.69
N ASP A 88 -4.62 3.48 19.64
CA ASP A 88 -5.34 4.66 19.21
C ASP A 88 -4.46 5.76 18.57
N GLU A 89 -3.22 5.91 19.03
CA GLU A 89 -2.26 6.87 18.41
C GLU A 89 -1.94 6.42 16.97
N VAL A 90 -1.75 5.11 16.81
CA VAL A 90 -1.47 4.59 15.44
C VAL A 90 -2.66 4.85 14.53
N LEU A 91 -3.90 4.61 15.00
CA LEU A 91 -5.05 4.92 14.15
C LEU A 91 -5.18 6.39 13.82
N LYS A 92 -4.78 7.28 14.74
CA LYS A 92 -4.90 8.72 14.52
C LYS A 92 -4.03 9.21 13.40
N HIS A 93 -2.99 8.41 13.04
CA HIS A 93 -2.06 8.83 12.00
C HIS A 93 -2.36 8.16 10.67
N ILE A 94 -3.54 7.52 10.55
CA ILE A 94 -3.95 6.92 9.25
C ILE A 94 -5.17 7.71 8.78
N TYR A 95 -5.08 8.27 7.58
CA TYR A 95 -6.16 9.07 7.07
C TYR A 95 -6.79 8.29 5.93
N VAL A 96 -7.98 7.77 6.26
CA VAL A 96 -8.68 6.85 5.32
C VAL A 96 -9.74 7.55 4.54
N ALA A 97 -9.80 7.31 3.23
CA ALA A 97 -10.92 7.86 2.46
C ALA A 97 -11.45 6.74 1.59
N ARG A 98 -12.78 6.62 1.51
CA ARG A 98 -13.41 5.64 0.63
C ARG A 98 -13.62 6.23 -0.74
N ALA A 99 -13.10 5.56 -1.74
CA ALA A 99 -13.31 6.02 -3.13
C ALA A 99 -14.57 5.34 -3.65
N PHE A 100 -15.53 6.16 -4.12
CA PHE A 100 -16.85 5.61 -4.55
C PHE A 100 -16.85 5.12 -6.00
N ASN A 101 -15.96 5.64 -6.85
CA ASN A 101 -15.82 5.24 -8.24
C ASN A 101 -14.44 5.66 -8.70
N SER A 102 -14.05 5.31 -9.93
CA SER A 102 -12.71 5.57 -10.37
C SER A 102 -12.39 7.09 -10.52
N ASN A 103 -13.40 7.91 -10.88
CA ASN A 103 -13.20 9.33 -10.97
C ASN A 103 -12.98 9.93 -9.58
N HIS A 104 -13.78 9.46 -8.61
CA HIS A 104 -13.63 9.96 -7.23
C HIS A 104 -12.23 9.52 -6.72
N GLN A 105 -11.82 8.30 -7.09
CA GLN A 105 -10.49 7.80 -6.69
C GLN A 105 -9.39 8.72 -7.19
N MET A 106 -9.56 9.23 -8.40
CA MET A 106 -8.57 10.15 -9.00
C MET A 106 -8.54 11.46 -8.27
N LEU A 107 -9.73 11.96 -7.94
CA LEU A 107 -9.81 13.19 -7.12
C LEU A 107 -9.12 13.02 -5.74
N LEU A 108 -9.34 11.88 -5.12
CA LEU A 108 -8.83 11.66 -3.79
C LEU A 108 -7.29 11.74 -3.81
N VAL A 109 -6.66 11.38 -4.92
CA VAL A 109 -5.17 11.54 -4.97
C VAL A 109 -4.79 12.99 -4.95
N GLN A 110 -5.57 13.89 -5.57
CA GLN A 110 -5.26 15.34 -5.45
C GLN A 110 -5.48 15.85 -4.07
N GLN A 111 -6.53 15.35 -3.37
CA GLN A 111 -6.70 15.70 -1.96
C GLN A 111 -5.58 15.22 -1.12
N ALA A 112 -5.04 14.05 -1.45
CA ALA A 112 -3.97 13.51 -0.67
C ALA A 112 -2.79 14.53 -0.68
N GLU A 113 -2.57 15.24 -1.81
CA GLU A 113 -1.43 16.16 -1.83
C GLU A 113 -1.66 17.26 -0.80
N ASP A 114 -2.90 17.68 -0.60
CA ASP A 114 -3.14 18.70 0.43
C ASP A 114 -2.75 18.26 1.84
N LYS A 115 -3.10 17.03 2.17
CA LYS A 115 -2.74 16.45 3.47
C LYS A 115 -1.26 16.28 3.58
N ILE A 116 -0.63 15.78 2.51
CA ILE A 116 0.81 15.61 2.51
C ILE A 116 1.47 16.98 2.77
N LYS A 117 1.08 18.01 2.01
CA LYS A 117 1.70 19.34 2.22
C LYS A 117 1.53 19.79 3.63
N GLU A 118 0.35 19.60 4.19
CA GLU A 118 0.08 20.00 5.55
C GLU A 118 1.03 19.32 6.54
N LEU A 119 1.17 18.04 6.44
CA LEU A 119 2.02 17.33 7.42
C LEU A 119 3.49 17.37 7.15
N LEU A 120 3.91 17.90 6.01
CA LEU A 120 5.28 17.95 5.69
C LEU A 120 6.10 18.68 6.82
N ASN A 121 5.52 19.61 7.63
CA ASN A 121 6.30 20.34 8.73
C ASN A 121 6.02 19.81 10.11
N THR A 122 5.61 18.57 10.13
CA THR A 122 5.20 17.98 11.31
C THR A 122 6.28 16.89 11.62
N ASP A 123 6.22 16.33 12.80
CA ASP A 123 7.17 15.27 13.10
C ASP A 123 6.67 13.91 12.60
N ARG A 124 5.49 13.91 11.96
CA ARG A 124 4.98 12.64 11.34
C ARG A 124 4.44 12.97 9.92
N PRO A 125 5.35 13.27 9.02
CA PRO A 125 4.95 13.59 7.62
C PRO A 125 4.34 12.30 7.07
N VAL A 126 3.46 12.47 6.12
CA VAL A 126 3.04 11.27 5.32
C VAL A 126 4.24 10.56 4.72
N LYS A 127 4.41 9.28 5.00
CA LYS A 127 5.41 8.48 4.36
C LYS A 127 4.91 7.28 3.59
N LEU A 128 3.58 7.05 3.66
CA LEU A 128 2.99 5.91 2.94
C LEU A 128 1.61 6.29 2.45
N LEU A 129 1.36 5.99 1.16
CA LEU A 129 0.02 6.22 0.53
C LEU A 129 -0.38 4.85 -0.03
N ILE A 130 -1.45 4.33 0.52
CA ILE A 130 -1.99 3.00 0.09
C ILE A 130 -3.18 3.27 -0.82
N VAL A 131 -3.25 2.53 -1.95
CA VAL A 131 -4.49 2.45 -2.70
C VAL A 131 -4.86 0.97 -2.80
N ASP A 132 -5.97 0.59 -2.13
CA ASP A 132 -6.40 -0.81 -2.05
C ASP A 132 -7.89 -0.75 -2.39
N SER A 133 -8.30 -1.09 -3.58
CA SER A 133 -7.57 -1.72 -4.70
C SER A 133 -7.35 -0.63 -5.75
N LEU A 134 -6.18 -0.62 -6.35
CA LEU A 134 -5.89 0.36 -7.41
C LEU A 134 -6.88 0.20 -8.59
N THR A 135 -7.18 -1.05 -8.91
CA THR A 135 -7.83 -1.29 -10.24
C THR A 135 -9.27 -1.71 -10.17
N SER A 136 -9.80 -2.06 -8.98
CA SER A 136 -11.19 -2.56 -8.94
C SER A 136 -12.20 -1.64 -9.61
N HIS A 137 -12.20 -0.34 -9.32
CA HIS A 137 -13.16 0.51 -9.99
C HIS A 137 -12.96 0.66 -11.49
N PHE A 138 -11.70 0.66 -11.92
CA PHE A 138 -11.41 0.80 -13.32
C PHE A 138 -11.88 -0.45 -14.05
N ARG A 139 -11.73 -1.62 -13.44
CA ARG A 139 -12.20 -2.87 -14.07
C ARG A 139 -13.74 -2.91 -14.16
N SER A 140 -14.46 -2.37 -13.17
CA SER A 140 -15.95 -2.34 -13.22
C SER A 140 -16.49 -1.36 -14.24
N GLU A 141 -15.79 -0.22 -14.42
CA GLU A 141 -16.38 0.93 -15.13
C GLU A 141 -16.05 0.96 -16.61
N TYR A 142 -14.92 0.38 -16.95
CA TYR A 142 -14.43 0.53 -18.32
C TYR A 142 -14.41 -0.92 -18.80
N ILE A 143 -15.44 -1.23 -19.56
CA ILE A 143 -15.62 -2.65 -19.99
C ILE A 143 -16.26 -2.67 -21.40
N GLY A 144 -15.76 -3.54 -22.27
CA GLY A 144 -16.39 -3.68 -23.59
C GLY A 144 -15.47 -3.13 -24.66
N ARG A 145 -15.94 -3.18 -25.91
CA ARG A 145 -15.06 -2.78 -27.03
C ARG A 145 -14.56 -1.33 -26.88
N GLY A 146 -13.26 -1.13 -26.95
CA GLY A 146 -12.74 0.23 -26.80
C GLY A 146 -12.31 0.46 -25.37
N ALA A 147 -12.71 -0.41 -24.46
CA ALA A 147 -12.38 -0.11 -23.04
C ALA A 147 -10.95 -0.32 -22.67
N LEU A 148 -10.28 -1.23 -23.33
CA LEU A 148 -8.88 -1.53 -22.96
C LEU A 148 -8.06 -0.24 -23.04
N ALA A 149 -8.14 0.46 -24.16
CA ALA A 149 -7.35 1.68 -24.38
C ALA A 149 -7.73 2.78 -23.41
N GLU A 150 -9.04 2.99 -23.23
CA GLU A 150 -9.55 4.00 -22.36
C GLU A 150 -9.14 3.70 -20.90
N ARG A 151 -9.27 2.45 -20.49
CA ARG A 151 -8.97 2.09 -19.09
C ARG A 151 -7.48 2.32 -18.87
N GLN A 152 -6.69 1.81 -19.84
CA GLN A 152 -5.25 1.94 -19.64
C GLN A 152 -4.77 3.39 -19.62
N GLN A 153 -5.38 4.28 -20.39
CA GLN A 153 -5.01 5.73 -20.41
C GLN A 153 -5.40 6.38 -19.08
N LYS A 154 -6.62 6.08 -18.57
CA LYS A 154 -7.04 6.65 -17.27
C LYS A 154 -6.14 6.12 -16.20
N LEU A 155 -5.84 4.82 -16.13
CA LEU A 155 -4.94 4.32 -15.07
C LEU A 155 -3.55 4.89 -15.20
N ALA A 156 -3.07 5.14 -16.44
CA ALA A 156 -1.73 5.69 -16.62
C ALA A 156 -1.68 7.10 -16.00
N LYS A 157 -2.73 7.90 -16.15
CA LYS A 157 -2.81 9.27 -15.58
C LYS A 157 -2.83 9.16 -14.07
N HIS A 158 -3.64 8.24 -13.57
CA HIS A 158 -3.73 8.03 -12.08
C HIS A 158 -2.35 7.63 -11.52
N LEU A 159 -1.70 6.68 -12.19
CA LEU A 159 -0.38 6.19 -11.74
C LEU A 159 0.66 7.30 -11.87
N ALA A 160 0.57 8.13 -12.92
CA ALA A 160 1.44 9.29 -13.00
C ALA A 160 1.25 10.25 -11.88
N ASP A 161 0.01 10.46 -11.48
CA ASP A 161 -0.26 11.34 -10.30
C ASP A 161 0.37 10.76 -9.06
N LEU A 162 0.19 9.47 -8.92
CA LEU A 162 0.79 8.82 -7.73
C LEU A 162 2.34 8.80 -7.73
N HIS A 163 2.97 8.60 -8.89
CA HIS A 163 4.40 8.59 -8.99
C HIS A 163 4.90 10.02 -8.63
N ARG A 164 4.21 11.03 -9.15
CA ARG A 164 4.61 12.43 -8.81
C ARG A 164 4.61 12.62 -7.30
N LEU A 165 3.55 12.19 -6.59
CA LEU A 165 3.56 12.39 -5.11
C LEU A 165 4.69 11.60 -4.44
N ALA A 166 4.96 10.35 -4.91
CA ALA A 166 6.02 9.50 -4.31
C ALA A 166 7.37 10.22 -4.43
N ASN A 167 7.62 10.83 -5.60
CA ASN A 167 8.94 11.42 -5.87
C ASN A 167 9.07 12.82 -5.30
N LEU A 168 7.98 13.62 -5.36
CA LEU A 168 8.07 15.02 -4.96
C LEU A 168 8.12 15.10 -3.42
N TYR A 169 7.43 14.17 -2.71
CA TYR A 169 7.31 14.24 -1.24
C TYR A 169 7.98 13.12 -0.50
N ASP A 170 8.74 12.27 -1.21
CA ASP A 170 9.52 11.16 -0.62
C ASP A 170 8.62 10.24 0.18
N ILE A 171 7.65 9.70 -0.54
CA ILE A 171 6.59 8.80 0.01
CA ILE A 171 6.74 8.75 0.15
C ILE A 171 6.68 7.43 -0.62
N ALA A 172 6.35 6.38 0.14
CA ALA A 172 6.19 5.05 -0.51
C ALA A 172 4.74 4.94 -0.93
N VAL A 173 4.51 4.62 -2.19
CA VAL A 173 3.14 4.36 -2.64
C VAL A 173 2.97 2.85 -2.77
N PHE A 174 1.90 2.33 -2.19
CA PHE A 174 1.69 0.87 -2.17
C PHE A 174 0.29 0.62 -2.73
N VAL A 175 0.21 -0.16 -3.80
CA VAL A 175 -1.09 -0.31 -4.45
C VAL A 175 -1.33 -1.78 -4.63
N THR A 176 -2.61 -2.15 -4.70
CA THR A 176 -2.90 -3.58 -4.82
C THR A 176 -3.71 -3.85 -6.07
N ASN A 177 -3.66 -5.10 -6.54
CA ASN A 177 -4.39 -5.42 -7.80
C ASN A 177 -4.77 -6.91 -7.66
N GLN A 178 -6.03 -7.22 -7.84
CA GLN A 178 -6.48 -8.64 -7.80
C GLN A 178 -6.38 -9.23 -9.17
N VAL A 179 -5.74 -10.40 -9.26
CA VAL A 179 -5.70 -11.09 -10.55
C VAL A 179 -6.43 -12.45 -10.49
N ILE A 186 -1.09 -9.81 -19.86
CA ILE A 186 -0.89 -9.12 -21.15
C ILE A 186 -1.03 -7.60 -21.17
N LEU A 187 -1.73 -7.04 -20.18
CA LEU A 187 -1.93 -5.59 -20.16
C LEU A 187 -0.73 -4.88 -19.55
N ALA A 188 -0.49 -3.64 -19.99
CA ALA A 188 0.69 -2.81 -19.55
C ALA A 188 0.56 -2.50 -18.07
N HIS A 189 1.71 -2.35 -17.38
CA HIS A 189 1.70 -1.84 -15.95
C HIS A 189 2.77 -0.78 -15.81
N SER A 190 2.61 0.15 -14.87
CA SER A 190 3.70 1.09 -14.68
C SER A 190 4.19 1.30 -13.23
N ALA A 191 3.82 0.41 -12.32
CA ALA A 191 4.50 0.37 -10.99
C ALA A 191 6.01 0.26 -11.10
N THR A 192 6.72 0.81 -10.11
CA THR A 192 8.16 0.68 -10.05
C THR A 192 8.58 -0.77 -9.76
N LEU A 193 7.79 -1.43 -8.92
CA LEU A 193 8.17 -2.75 -8.47
C LEU A 193 6.91 -3.52 -8.44
N ARG A 194 6.90 -4.73 -9.00
CA ARG A 194 5.67 -5.54 -8.96
C ARG A 194 5.96 -6.82 -8.23
N VAL A 195 5.13 -7.11 -7.23
CA VAL A 195 5.32 -8.27 -6.33
C VAL A 195 4.10 -9.17 -6.44
N TYR A 196 4.32 -10.41 -6.87
CA TYR A 196 3.26 -11.40 -7.00
C TYR A 196 3.14 -12.14 -5.71
N LEU A 197 1.90 -12.19 -5.18
CA LEU A 197 1.62 -12.90 -3.89
C LEU A 197 0.70 -14.11 -4.19
N ARG A 198 0.97 -15.23 -3.49
CA ARG A 198 0.11 -16.41 -3.68
C ARG A 198 0.10 -17.20 -2.39
N LYS A 199 -0.89 -18.06 -2.24
CA LYS A 199 -0.98 -18.97 -1.13
C LYS A 199 -0.05 -20.14 -1.28
N GLY A 200 0.52 -20.52 -0.15
CA GLY A 200 1.42 -21.67 -0.08
C GLY A 200 0.83 -22.70 0.85
N LYS A 201 1.59 -23.74 1.05
CA LYS A 201 1.22 -24.79 2.01
C LYS A 201 1.32 -24.23 3.42
N GLY A 202 0.47 -24.80 4.30
CA GLY A 202 0.59 -24.55 5.71
C GLY A 202 0.16 -23.15 6.10
N GLY A 203 -0.71 -22.55 5.30
CA GLY A 203 -1.15 -21.20 5.62
C GLY A 203 -0.14 -20.12 5.24
N LYS A 204 0.98 -20.47 4.62
CA LYS A 204 1.99 -19.44 4.32
C LYS A 204 1.58 -18.73 3.06
N ARG A 205 2.18 -17.55 2.89
CA ARG A 205 2.05 -16.83 1.61
C ARG A 205 3.46 -16.73 1.02
N ILE A 206 3.56 -16.75 -0.33
CA ILE A 206 4.82 -16.75 -1.04
C ILE A 206 4.81 -15.51 -1.92
N ALA A 207 5.92 -14.75 -1.90
CA ALA A 207 6.05 -13.54 -2.71
C ALA A 207 7.20 -13.70 -3.71
N ARG A 208 7.01 -13.16 -4.90
CA ARG A 208 8.04 -13.28 -5.99
C ARG A 208 8.03 -11.90 -6.64
N LEU A 209 9.22 -11.42 -6.96
CA LEU A 209 9.33 -10.13 -7.71
C LEU A 209 9.20 -10.45 -9.17
N ILE A 210 8.47 -9.59 -9.87
CA ILE A 210 8.21 -9.84 -11.30
C ILE A 210 8.93 -8.81 -12.19
N GLY A 218 15.07 -15.31 -5.94
CA GLY A 218 14.42 -16.06 -4.84
C GLY A 218 12.91 -15.76 -4.65
N GLU A 219 12.34 -16.36 -3.63
CA GLU A 219 10.96 -16.10 -3.21
C GLU A 219 11.01 -15.94 -1.70
N ALA A 220 10.16 -15.04 -1.18
CA ALA A 220 9.96 -14.92 0.24
C ALA A 220 8.75 -15.68 0.72
N VAL A 221 8.77 -16.04 2.01
CA VAL A 221 7.63 -16.82 2.58
C VAL A 221 7.27 -16.11 3.85
N PHE A 222 5.97 -15.91 4.09
CA PHE A 222 5.57 -15.21 5.30
C PHE A 222 4.23 -15.75 5.77
N SER A 223 3.90 -15.37 7.00
CA SER A 223 2.62 -15.78 7.65
C SER A 223 1.78 -14.56 7.91
N ILE A 224 0.49 -14.79 8.12
CA ILE A 224 -0.43 -13.72 8.57
C ILE A 224 -0.83 -14.04 10.00
N THR A 225 -0.54 -13.14 10.93
CA THR A 225 -0.64 -13.47 12.37
C THR A 225 -1.32 -12.29 13.14
N GLU A 226 -1.37 -12.44 14.46
CA GLU A 226 -1.77 -11.34 15.33
C GLU A 226 -0.93 -10.08 15.21
N LYS A 227 0.29 -10.17 14.63
CA LYS A 227 1.13 -9.01 14.39
C LYS A 227 1.04 -8.52 12.93
N GLY A 228 0.08 -9.06 12.19
CA GLY A 228 -0.06 -8.68 10.78
C GLY A 228 0.69 -9.68 9.92
N ILE A 229 1.72 -9.19 9.28
CA ILE A 229 2.61 -10.05 8.52
C ILE A 229 3.89 -10.25 9.31
N GLU A 230 4.35 -11.48 9.33
CA GLU A 230 5.68 -11.80 9.88
C GLU A 230 6.20 -13.09 9.29
N ASP A 231 7.49 -13.45 9.45
CA ASP A 231 7.91 -14.75 8.87
C ASP A 231 7.06 -15.88 9.47
#